data_8HED
#
_entry.id   8HED
#
_cell.length_a   1.00
_cell.length_b   1.00
_cell.length_c   1.00
_cell.angle_alpha   90.00
_cell.angle_beta   90.00
_cell.angle_gamma   90.00
#
_symmetry.space_group_name_H-M   'P 1'
#
loop_
_entity.id
_entity.type
_entity.pdbx_description
1 polymer 'Spike protein S1'
2 polymer 'rabbit antibody 9H1 light chain'
3 polymer 'rabbit antibody 9H1 heavy chain'
4 branched 2-acetamido-2-deoxy-beta-D-glucopyranose-(1-4)-2-acetamido-2-deoxy-beta-D-glucopyranose
5 non-polymer 2-acetamido-2-deoxy-beta-D-glucopyranose
#
loop_
_entity_poly.entity_id
_entity_poly.type
_entity_poly.pdbx_seq_one_letter_code
_entity_poly.pdbx_strand_id
1 'polypeptide(L)'
;NITNLCPFGEVFNATRFASVYAWNRKRISNCVADYSVLYNSASFSTFKCYGVSPTKLNDLCFTNVYADSFVIRGDEVRQI
APGQTGKIADYNYKLPDDFTGCVIAWNSNNLDSKVGGNYNYLYRLFRKSNLKPFERDISTEIYQAGSTPCNGVEGFNCYF
PLQSYGFQPTNGVGYQPYRVVVLSFELLHAPATVCGPKKS
;
B
2 'polypeptide(L)'
;QVLTQTPSSVSAAVGGTVTINCQASEDIYDNLVWYQQKPGQPPKLLIYDASTLAFGVSSRFRGSGSGTHFTLTMRDVQCD
DAATYYCQGEFSCSSGDCTAFGGGTEVVVK
;
F
3 'polypeptide(L)'
;QSVEESGGRLVTPGTPLTLTCTVSGFSLSRYAMSWVRQAPGKGLEWIGIIVDSGHTAYASWAKGRFTISRTSTTVDLKMT
SLTTEDTATYFCARETGGGAFYVFEFWGPGTVVTVSS
;
G
#
loop_
_chem_comp.id
_chem_comp.type
_chem_comp.name
_chem_comp.formula
NAG D-saccharide, beta linking 2-acetamido-2-deoxy-beta-D-glucopyranose 'C8 H15 N O6'
#
# COMPACT_ATOMS: atom_id res chain seq x y z
N ASN A 1 22.84 -8.03 -42.48
CA ASN A 1 23.36 -6.97 -41.63
C ASN A 1 22.21 -6.11 -41.10
N ILE A 2 21.67 -6.47 -39.94
CA ILE A 2 20.64 -5.67 -39.31
C ILE A 2 21.26 -4.42 -38.73
N THR A 3 20.62 -3.27 -38.98
CA THR A 3 21.16 -1.99 -38.54
C THR A 3 20.04 -1.14 -37.97
N ASN A 4 20.44 0.01 -37.40
CA ASN A 4 19.52 0.99 -36.82
C ASN A 4 18.63 0.35 -35.75
N LEU A 5 19.26 -0.44 -34.87
CA LEU A 5 18.55 -1.02 -33.75
C LEU A 5 18.06 0.09 -32.84
N CYS A 6 16.82 -0.01 -32.41
CA CYS A 6 16.17 1.12 -31.74
C CYS A 6 16.46 1.07 -30.25
N PRO A 7 17.02 2.13 -29.67
CA PRO A 7 17.70 2.00 -28.36
C PRO A 7 16.82 1.58 -27.20
N PHE A 8 15.79 2.38 -26.89
CA PHE A 8 14.86 2.13 -25.79
C PHE A 8 15.52 2.24 -24.42
N GLY A 9 16.85 2.38 -24.39
CA GLY A 9 17.54 2.47 -23.12
C GLY A 9 17.44 3.86 -22.52
N GLU A 10 17.34 4.88 -23.37
CA GLU A 10 17.14 6.25 -22.92
C GLU A 10 15.70 6.52 -22.49
N VAL A 11 14.80 5.57 -22.71
CA VAL A 11 13.39 5.74 -22.37
C VAL A 11 12.99 4.86 -21.20
N PHE A 12 13.38 3.58 -21.22
CA PHE A 12 12.90 2.65 -20.20
C PHE A 12 13.56 2.92 -18.85
N ASN A 13 14.89 3.13 -18.84
CA ASN A 13 15.60 3.43 -17.61
C ASN A 13 16.46 4.67 -17.82
N ALA A 14 15.88 5.83 -17.52
CA ALA A 14 16.57 7.10 -17.49
C ALA A 14 16.87 7.47 -16.04
N THR A 15 17.42 8.66 -15.82
CA THR A 15 17.75 9.14 -14.49
C THR A 15 16.74 10.13 -13.94
N ARG A 16 15.65 10.40 -14.66
CA ARG A 16 14.67 11.38 -14.22
C ARG A 16 13.34 11.01 -14.89
N PHE A 17 12.37 10.62 -14.07
CA PHE A 17 11.03 10.37 -14.57
C PHE A 17 10.12 11.53 -14.25
N ALA A 18 9.23 11.87 -15.18
CA ALA A 18 8.35 13.01 -15.00
C ALA A 18 7.19 12.65 -14.09
N SER A 19 6.56 13.69 -13.53
CA SER A 19 5.40 13.49 -12.68
C SER A 19 4.21 13.02 -13.51
N VAL A 20 3.21 12.47 -12.83
CA VAL A 20 2.05 11.92 -13.54
C VAL A 20 1.25 13.02 -14.23
N TYR A 21 1.13 14.19 -13.62
CA TYR A 21 0.33 15.26 -14.19
C TYR A 21 1.00 15.95 -15.36
N ALA A 22 2.28 15.66 -15.62
CA ALA A 22 3.01 16.19 -16.76
C ALA A 22 3.77 15.07 -17.45
N TRP A 23 3.07 13.98 -17.71
CA TRP A 23 3.70 12.78 -18.26
C TRP A 23 4.41 13.09 -19.57
N ASN A 24 5.65 12.65 -19.67
CA ASN A 24 6.47 12.94 -20.84
C ASN A 24 6.14 11.99 -21.97
N ARG A 25 6.01 12.55 -23.18
CA ARG A 25 5.65 11.79 -24.37
C ARG A 25 6.80 11.89 -25.37
N LYS A 26 7.45 10.76 -25.64
CA LYS A 26 8.55 10.69 -26.60
C LYS A 26 8.10 9.87 -27.79
N ARG A 27 8.17 10.49 -28.98
CA ARG A 27 7.84 9.77 -30.20
C ARG A 27 8.94 8.79 -30.56
N ILE A 28 8.54 7.59 -30.96
CA ILE A 28 9.46 6.57 -31.47
C ILE A 28 9.13 6.36 -32.94
N SER A 29 10.11 6.59 -33.81
CA SER A 29 9.89 6.47 -35.23
C SER A 29 11.21 6.15 -35.91
N ASN A 30 11.10 5.61 -37.12
CA ASN A 30 12.26 5.17 -37.90
C ASN A 30 13.16 4.26 -37.07
N CYS A 31 12.52 3.32 -36.38
CA CYS A 31 13.18 2.43 -35.44
C CYS A 31 13.02 1.00 -35.92
N VAL A 32 14.04 0.19 -35.68
CA VAL A 32 13.95 -1.25 -35.89
C VAL A 32 13.67 -1.83 -34.51
N ALA A 33 12.39 -1.95 -34.19
CA ALA A 33 11.97 -2.30 -32.83
C ALA A 33 12.21 -3.77 -32.56
N ASP A 34 12.61 -4.05 -31.32
CA ASP A 34 12.78 -5.43 -30.84
C ASP A 34 12.16 -5.50 -29.46
N TYR A 35 10.97 -6.10 -29.38
CA TYR A 35 10.26 -6.25 -28.12
C TYR A 35 10.57 -7.57 -27.42
N SER A 36 11.41 -8.42 -28.02
CA SER A 36 11.74 -9.70 -27.40
C SER A 36 12.47 -9.50 -26.08
N VAL A 37 13.41 -8.55 -26.04
CA VAL A 37 14.17 -8.31 -24.81
C VAL A 37 13.23 -7.78 -23.72
N LEU A 38 12.26 -6.96 -24.10
CA LEU A 38 11.30 -6.44 -23.13
C LEU A 38 10.46 -7.56 -22.53
N TYR A 39 9.99 -8.49 -23.36
CA TYR A 39 9.19 -9.60 -22.87
C TYR A 39 10.02 -10.52 -21.99
N ASN A 40 11.19 -10.93 -22.47
CA ASN A 40 12.04 -11.85 -21.74
C ASN A 40 12.64 -11.24 -20.47
N SER A 41 12.59 -9.93 -20.32
CA SER A 41 13.05 -9.31 -19.10
C SER A 41 12.15 -9.68 -17.93
N ALA A 42 12.76 -10.04 -16.81
CA ALA A 42 12.04 -10.47 -15.63
C ALA A 42 11.95 -9.39 -14.56
N SER A 43 12.30 -8.16 -14.88
CA SER A 43 12.27 -7.06 -13.92
C SER A 43 10.94 -6.32 -13.90
N PHE A 44 10.01 -6.64 -14.79
CA PHE A 44 8.74 -5.94 -14.89
C PHE A 44 7.68 -6.70 -14.10
N SER A 45 7.01 -5.97 -13.20
CA SER A 45 5.98 -6.61 -12.38
C SER A 45 4.73 -6.91 -13.20
N THR A 46 4.31 -5.97 -14.05
CA THR A 46 3.12 -6.14 -14.87
C THR A 46 3.45 -5.85 -16.32
N PHE A 47 3.09 -6.78 -17.20
CA PHE A 47 3.28 -6.60 -18.65
C PHE A 47 2.19 -7.42 -19.35
N LYS A 48 1.10 -6.76 -19.71
CA LYS A 48 -0.03 -7.41 -20.37
C LYS A 48 -0.66 -6.44 -21.35
N CYS A 49 -1.03 -6.93 -22.52
CA CYS A 49 -1.34 -6.08 -23.64
C CYS A 49 -2.76 -6.27 -24.15
N TYR A 50 -3.28 -5.21 -24.76
CA TYR A 50 -4.61 -5.19 -25.36
C TYR A 50 -4.47 -5.11 -26.87
N GLY A 51 -5.38 -5.79 -27.58
CA GLY A 51 -5.40 -5.73 -29.02
C GLY A 51 -4.35 -6.60 -29.69
N VAL A 52 -3.11 -6.51 -29.23
CA VAL A 52 -2.00 -7.27 -29.80
C VAL A 52 -1.40 -8.13 -28.70
N SER A 53 -1.29 -9.43 -28.97
CA SER A 53 -0.69 -10.34 -28.00
C SER A 53 0.82 -10.12 -27.95
N PRO A 54 1.43 -10.28 -26.77
CA PRO A 54 2.88 -10.06 -26.65
C PRO A 54 3.72 -11.03 -27.47
N THR A 55 3.17 -12.19 -27.83
CA THR A 55 3.96 -13.21 -28.51
C THR A 55 4.39 -12.76 -29.90
N LYS A 56 3.46 -12.17 -30.66
CA LYS A 56 3.69 -11.87 -32.06
C LYS A 56 3.98 -10.39 -32.30
N LEU A 57 4.38 -9.65 -31.26
CA LEU A 57 4.66 -8.23 -31.42
C LEU A 57 5.76 -7.96 -32.44
N ASN A 58 6.60 -8.94 -32.73
CA ASN A 58 7.70 -8.75 -33.68
C ASN A 58 7.27 -8.90 -35.13
N ASP A 59 6.00 -9.20 -35.39
CA ASP A 59 5.53 -9.45 -36.74
C ASP A 59 4.72 -8.31 -37.33
N LEU A 60 3.63 -7.90 -36.67
CA LEU A 60 2.84 -6.79 -37.17
C LEU A 60 3.69 -5.53 -37.18
N CYS A 61 3.55 -4.72 -38.22
CA CYS A 61 4.47 -3.63 -38.44
C CYS A 61 3.69 -2.31 -38.51
N PHE A 62 4.09 -1.36 -37.67
CA PHE A 62 3.31 -0.17 -37.36
C PHE A 62 3.97 1.07 -37.92
N THR A 63 3.14 2.08 -38.22
CA THR A 63 3.67 3.32 -38.78
C THR A 63 4.35 4.20 -37.73
N ASN A 64 3.87 4.20 -36.50
CA ASN A 64 4.44 5.06 -35.47
C ASN A 64 4.21 4.45 -34.10
N VAL A 65 5.06 4.83 -33.16
CA VAL A 65 4.99 4.32 -31.79
C VAL A 65 5.13 5.50 -30.83
N TYR A 66 4.17 5.65 -29.93
CA TYR A 66 4.19 6.71 -28.92
C TYR A 66 4.38 6.09 -27.55
N ALA A 67 5.35 6.60 -26.81
CA ALA A 67 5.67 6.10 -25.48
C ALA A 67 5.47 7.22 -24.47
N ASP A 68 4.70 6.94 -23.42
CA ASP A 68 4.46 7.89 -22.33
C ASP A 68 4.96 7.28 -21.03
N SER A 69 5.61 8.10 -20.21
CA SER A 69 6.19 7.63 -18.95
C SER A 69 5.79 8.56 -17.82
N PHE A 70 5.61 7.97 -16.64
CA PHE A 70 5.27 8.71 -15.43
C PHE A 70 5.51 7.79 -14.24
N VAL A 71 5.33 8.33 -13.04
CA VAL A 71 5.50 7.59 -11.80
C VAL A 71 4.24 7.75 -10.97
N ILE A 72 3.67 6.64 -10.52
CA ILE A 72 2.43 6.65 -9.77
C ILE A 72 2.55 5.72 -8.57
N ARG A 73 1.56 5.85 -7.68
CA ARG A 73 1.53 5.01 -6.46
C ARG A 73 1.43 3.55 -6.88
N GLY A 74 1.84 2.65 -6.00
CA GLY A 74 1.88 1.23 -6.32
C GLY A 74 0.51 0.64 -6.59
N ASP A 75 -0.46 0.93 -5.74
CA ASP A 75 -1.79 0.37 -5.92
C ASP A 75 -2.53 0.97 -7.11
N GLU A 76 -2.27 2.23 -7.45
CA GLU A 76 -3.01 2.93 -8.49
C GLU A 76 -2.67 2.46 -9.90
N VAL A 77 -1.83 1.43 -10.04
CA VAL A 77 -1.52 0.92 -11.36
C VAL A 77 -2.75 0.28 -12.00
N ARG A 78 -3.67 -0.23 -11.18
CA ARG A 78 -4.87 -0.86 -11.72
C ARG A 78 -5.75 0.11 -12.49
N GLN A 79 -5.64 1.41 -12.21
CA GLN A 79 -6.48 2.40 -12.87
C GLN A 79 -6.03 2.72 -14.28
N ILE A 80 -4.84 2.29 -14.69
CA ILE A 80 -4.33 2.56 -16.02
C ILE A 80 -4.80 1.40 -16.90
N ALA A 81 -5.99 1.54 -17.46
CA ALA A 81 -6.61 0.54 -18.31
C ALA A 81 -7.82 1.15 -19.02
N PRO A 82 -8.17 0.68 -20.21
CA PRO A 82 -9.36 1.21 -20.89
C PRO A 82 -10.61 0.95 -20.07
N GLY A 83 -11.52 1.92 -20.08
CA GLY A 83 -12.79 1.77 -19.39
C GLY A 83 -12.65 1.56 -17.90
N GLN A 84 -11.76 2.31 -17.26
CA GLN A 84 -11.55 2.23 -15.81
C GLN A 84 -11.79 3.59 -15.19
N THR A 85 -12.48 3.61 -14.05
CA THR A 85 -12.82 4.83 -13.35
C THR A 85 -12.04 4.89 -12.04
N GLY A 86 -11.39 6.02 -11.82
CA GLY A 86 -10.60 6.18 -10.61
C GLY A 86 -10.32 7.65 -10.36
N LYS A 87 -9.16 7.90 -9.76
CA LYS A 87 -8.77 9.28 -9.48
C LYS A 87 -7.76 9.79 -10.51
N ILE A 88 -6.62 9.11 -10.62
CA ILE A 88 -5.62 9.52 -11.61
C ILE A 88 -6.12 9.26 -13.02
N ALA A 89 -6.96 8.24 -13.21
CA ALA A 89 -7.52 7.99 -14.54
C ALA A 89 -8.46 9.11 -14.96
N ASP A 90 -9.20 9.67 -14.02
CA ASP A 90 -10.16 10.71 -14.32
C ASP A 90 -9.57 12.11 -14.30
N TYR A 91 -8.39 12.30 -13.69
CA TYR A 91 -7.84 13.64 -13.55
C TYR A 91 -6.44 13.81 -14.11
N ASN A 92 -5.67 12.74 -14.30
CA ASN A 92 -4.28 12.88 -14.72
C ASN A 92 -4.01 12.26 -16.08
N TYR A 93 -4.34 10.99 -16.28
CA TYR A 93 -4.01 10.29 -17.51
C TYR A 93 -5.19 9.39 -17.88
N LYS A 94 -5.93 9.77 -18.92
CA LYS A 94 -7.11 9.05 -19.35
C LYS A 94 -6.82 8.28 -20.62
N LEU A 95 -7.15 6.99 -20.62
CA LEU A 95 -6.94 6.11 -21.76
C LEU A 95 -8.24 5.94 -22.55
N PRO A 96 -8.16 5.80 -23.87
CA PRO A 96 -9.37 5.59 -24.66
C PRO A 96 -9.92 4.19 -24.47
N ASP A 97 -11.20 4.05 -24.78
CA ASP A 97 -11.86 2.75 -24.65
C ASP A 97 -11.26 1.72 -25.59
N ASP A 98 -10.93 2.13 -26.81
CA ASP A 98 -10.35 1.25 -27.82
C ASP A 98 -8.83 1.39 -27.89
N PHE A 99 -8.18 1.59 -26.76
CA PHE A 99 -6.74 1.77 -26.73
C PHE A 99 -6.02 0.54 -27.28
N THR A 100 -5.00 0.78 -28.09
CA THR A 100 -4.16 -0.27 -28.65
C THR A 100 -2.73 -0.06 -28.18
N GLY A 101 -2.13 -1.12 -27.62
CA GLY A 101 -0.84 -1.08 -26.99
C GLY A 101 -0.92 -1.68 -25.61
N CYS A 102 0.04 -1.35 -24.76
CA CYS A 102 0.03 -1.85 -23.39
C CYS A 102 0.99 -1.06 -22.52
N VAL A 103 0.94 -1.34 -21.23
CA VAL A 103 1.71 -0.65 -20.21
C VAL A 103 2.71 -1.62 -19.60
N ILE A 104 3.87 -1.10 -19.24
CA ILE A 104 4.91 -1.87 -18.56
C ILE A 104 5.32 -1.10 -17.33
N ALA A 105 5.26 -1.74 -16.17
CA ALA A 105 5.56 -1.08 -14.91
C ALA A 105 6.37 -2.01 -14.02
N TRP A 106 7.19 -1.41 -13.17
CA TRP A 106 7.99 -2.17 -12.21
C TRP A 106 8.23 -1.33 -10.97
N ASN A 107 8.50 -2.02 -9.87
CA ASN A 107 8.73 -1.34 -8.60
C ASN A 107 10.02 -0.53 -8.66
N SER A 108 9.98 0.67 -8.11
CA SER A 108 11.13 1.57 -8.11
C SER A 108 11.31 2.20 -6.73
N ASN A 109 11.23 1.37 -5.69
CA ASN A 109 11.38 1.87 -4.33
C ASN A 109 12.83 2.22 -4.00
N ASN A 110 13.79 1.64 -4.72
CA ASN A 110 15.21 1.86 -4.41
C ASN A 110 15.73 3.19 -4.91
N LEU A 111 14.97 3.90 -5.72
CA LEU A 111 15.44 5.18 -6.25
C LEU A 111 14.47 6.32 -5.99
N ASP A 112 13.17 6.08 -6.05
CA ASP A 112 12.17 7.13 -5.96
C ASP A 112 11.70 7.41 -4.54
N SER A 113 12.20 6.67 -3.55
CA SER A 113 11.80 6.85 -2.17
C SER A 113 13.00 7.27 -1.33
N LYS A 114 12.78 8.24 -0.45
CA LYS A 114 13.82 8.77 0.40
C LYS A 114 13.42 8.66 1.86
N VAL A 115 14.42 8.63 2.74
CA VAL A 115 14.16 8.50 4.17
C VAL A 115 13.37 9.70 4.69
N GLY A 116 13.72 10.90 4.25
CA GLY A 116 12.98 12.08 4.63
C GLY A 116 11.72 12.32 3.83
N GLY A 117 11.45 11.48 2.83
CA GLY A 117 10.26 11.63 2.02
C GLY A 117 10.51 12.38 0.73
N ASN A 118 10.43 11.68 -0.40
CA ASN A 118 10.58 12.32 -1.70
C ASN A 118 9.35 13.18 -1.97
N TYR A 119 9.57 14.48 -2.13
CA TYR A 119 8.48 15.43 -2.36
C TYR A 119 8.58 16.09 -3.73
N ASN A 120 9.15 15.38 -4.71
CA ASN A 120 9.28 15.88 -6.06
C ASN A 120 8.28 15.24 -7.03
N TYR A 121 7.29 14.52 -6.52
CA TYR A 121 6.26 13.91 -7.34
C TYR A 121 4.91 14.46 -6.93
N LEU A 122 4.12 14.86 -7.93
CA LEU A 122 2.83 15.51 -7.70
C LEU A 122 1.75 14.75 -8.44
N TYR A 123 0.50 14.92 -7.99
CA TYR A 123 -0.64 14.37 -8.69
C TYR A 123 -1.86 15.23 -8.39
N ARG A 124 -2.64 15.53 -9.43
CA ARG A 124 -3.73 16.48 -9.31
C ARG A 124 -4.92 15.85 -8.60
N LEU A 125 -5.50 16.59 -7.66
CA LEU A 125 -6.69 16.15 -6.95
C LEU A 125 -7.98 16.76 -7.47
N PHE A 126 -7.93 17.93 -8.10
CA PHE A 126 -9.14 18.67 -8.41
C PHE A 126 -9.07 19.29 -9.80
N ARG A 127 -10.15 19.15 -10.56
CA ARG A 127 -10.36 19.92 -11.77
C ARG A 127 -11.85 19.90 -12.08
N LYS A 128 -12.26 20.81 -12.97
CA LYS A 128 -13.68 21.04 -13.21
C LYS A 128 -14.35 19.79 -13.74
N SER A 129 -13.82 19.21 -14.82
CA SER A 129 -14.48 18.11 -15.49
C SER A 129 -13.47 17.04 -15.88
N ASN A 130 -13.98 15.83 -16.07
CA ASN A 130 -13.17 14.73 -16.58
C ASN A 130 -12.58 15.08 -17.93
N LEU A 131 -11.32 14.72 -18.14
CA LEU A 131 -10.60 15.07 -19.36
C LEU A 131 -10.69 13.95 -20.38
N LYS A 132 -10.78 14.32 -21.65
CA LYS A 132 -10.88 13.37 -22.74
C LYS A 132 -9.58 12.57 -22.86
N PRO A 133 -9.65 11.36 -23.43
CA PRO A 133 -8.46 10.49 -23.47
C PRO A 133 -7.30 11.14 -24.20
N PHE A 134 -6.09 10.84 -23.72
CA PHE A 134 -4.83 11.33 -24.28
C PHE A 134 -4.79 12.86 -24.25
N GLU A 135 -4.83 13.41 -23.04
CA GLU A 135 -4.74 14.85 -22.83
C GLU A 135 -3.80 15.12 -21.67
N ARG A 136 -3.10 16.26 -21.74
CA ARG A 136 -2.17 16.69 -20.71
C ARG A 136 -2.62 18.04 -20.17
N ASP A 137 -2.66 18.16 -18.85
CA ASP A 137 -2.99 19.41 -18.18
C ASP A 137 -1.80 19.83 -17.31
N ILE A 138 -1.42 21.10 -17.41
CA ILE A 138 -0.27 21.61 -16.66
C ILE A 138 -0.62 22.83 -15.81
N SER A 139 -1.61 23.62 -16.20
CA SER A 139 -1.89 24.87 -15.51
C SER A 139 -2.27 24.62 -14.06
N THR A 140 -1.84 25.52 -13.18
CA THR A 140 -2.01 25.37 -11.73
C THR A 140 -3.01 26.37 -11.16
N GLU A 141 -4.09 26.65 -11.89
CA GLU A 141 -5.15 27.51 -11.36
C GLU A 141 -5.85 26.82 -10.21
N ILE A 142 -6.18 27.60 -9.17
CA ILE A 142 -6.72 27.05 -7.94
C ILE A 142 -8.17 26.66 -8.15
N TYR A 143 -8.49 25.41 -7.82
CA TYR A 143 -9.85 24.90 -7.97
C TYR A 143 -10.75 25.47 -6.88
N GLN A 144 -11.60 26.42 -7.27
CA GLN A 144 -12.44 27.12 -6.31
C GLN A 144 -13.62 26.26 -5.90
N ALA A 145 -13.93 26.26 -4.61
CA ALA A 145 -15.15 25.65 -4.10
C ALA A 145 -15.95 26.60 -3.23
N GLY A 146 -15.51 27.84 -3.07
CA GLY A 146 -16.26 28.86 -2.37
C GLY A 146 -17.00 29.80 -3.32
N SER A 147 -17.79 30.67 -2.72
CA SER A 147 -18.64 31.57 -3.52
C SER A 147 -17.84 32.70 -4.17
N THR A 148 -16.85 33.25 -3.48
CA THR A 148 -16.17 34.45 -3.93
C THR A 148 -15.27 34.15 -5.12
N PRO A 149 -14.85 35.20 -5.87
CA PRO A 149 -13.75 35.02 -6.84
C PRO A 149 -12.44 34.77 -6.12
N CYS A 150 -11.94 33.54 -6.20
CA CYS A 150 -10.79 33.15 -5.37
C CYS A 150 -9.58 34.02 -5.66
N ASN A 151 -9.39 34.43 -6.92
CA ASN A 151 -8.26 35.26 -7.33
C ASN A 151 -6.92 34.59 -7.05
N GLY A 152 -6.93 33.30 -6.72
CA GLY A 152 -5.73 32.55 -6.47
C GLY A 152 -5.06 32.81 -5.14
N VAL A 153 -5.66 33.61 -4.27
CA VAL A 153 -5.09 33.89 -2.95
C VAL A 153 -5.39 32.67 -2.07
N GLU A 154 -4.39 31.84 -1.83
CA GLU A 154 -4.60 30.59 -1.12
C GLU A 154 -5.17 30.84 0.28
N GLY A 155 -6.15 30.04 0.66
CA GLY A 155 -6.85 30.23 1.90
C GLY A 155 -7.91 29.18 2.16
N PHE A 156 -9.11 29.61 2.57
CA PHE A 156 -10.21 28.69 2.85
C PHE A 156 -11.14 28.60 1.64
N ASN A 157 -11.45 27.37 1.26
CA ASN A 157 -12.34 27.04 0.15
C ASN A 157 -11.79 27.49 -1.21
N CYS A 158 -10.47 27.75 -1.29
CA CYS A 158 -9.75 27.88 -2.55
C CYS A 158 -8.66 26.81 -2.50
N TYR A 159 -9.03 25.58 -2.86
CA TYR A 159 -8.16 24.44 -2.62
C TYR A 159 -7.10 24.32 -3.70
N PHE A 160 -5.89 23.96 -3.30
CA PHE A 160 -4.82 23.72 -4.26
C PHE A 160 -5.09 22.45 -5.03
N PRO A 161 -5.15 22.50 -6.37
CA PRO A 161 -5.39 21.27 -7.14
C PRO A 161 -4.31 20.20 -6.98
N LEU A 162 -3.06 20.58 -6.75
CA LEU A 162 -1.94 19.65 -6.80
C LEU A 162 -1.43 19.34 -5.40
N GLN A 163 -1.29 18.06 -5.09
CA GLN A 163 -0.72 17.59 -3.83
C GLN A 163 0.37 16.57 -4.14
N SER A 164 1.26 16.36 -3.17
CA SER A 164 2.47 15.59 -3.36
C SER A 164 2.34 14.17 -2.84
N TYR A 165 3.18 13.28 -3.37
CA TYR A 165 3.27 11.92 -2.87
C TYR A 165 4.30 11.84 -1.76
N GLY A 166 3.93 11.25 -0.63
CA GLY A 166 4.86 11.04 0.46
C GLY A 166 5.57 9.71 0.34
N PHE A 167 6.39 9.55 -0.69
CA PHE A 167 7.07 8.28 -0.93
C PHE A 167 8.16 8.07 0.12
N GLN A 168 7.99 7.05 0.95
CA GLN A 168 8.97 6.72 1.98
C GLN A 168 9.14 5.21 2.03
N PRO A 169 10.33 4.73 2.44
CA PRO A 169 10.58 3.29 2.39
C PRO A 169 9.77 2.48 3.39
N THR A 170 9.19 3.11 4.41
CA THR A 170 8.52 2.36 5.46
C THR A 170 7.11 1.95 5.12
N ASN A 171 6.61 2.37 3.96
CA ASN A 171 5.21 2.04 3.62
C ASN A 171 5.14 0.68 2.92
N GLY A 172 3.94 0.14 2.75
CA GLY A 172 3.72 -1.16 2.16
C GLY A 172 3.89 -1.15 0.65
N VAL A 173 3.75 -2.34 0.07
CA VAL A 173 3.91 -2.49 -1.38
C VAL A 173 2.89 -1.62 -2.12
N GLY A 174 1.65 -1.60 -1.64
CA GLY A 174 0.62 -0.82 -2.30
C GLY A 174 0.90 0.67 -2.32
N TYR A 175 1.84 1.13 -1.50
CA TYR A 175 2.20 2.54 -1.46
C TYR A 175 3.58 2.84 -2.05
N GLN A 176 4.34 1.83 -2.42
CA GLN A 176 5.65 2.06 -2.99
C GLN A 176 5.52 2.73 -4.36
N PRO A 177 6.44 3.63 -4.71
CA PRO A 177 6.39 4.25 -6.04
C PRO A 177 6.67 3.24 -7.13
N TYR A 178 6.03 3.45 -8.27
CA TYR A 178 6.18 2.58 -9.43
C TYR A 178 6.42 3.42 -10.67
N ARG A 179 7.36 2.99 -11.50
CA ARG A 179 7.63 3.65 -12.77
C ARG A 179 6.83 2.95 -13.86
N VAL A 180 6.00 3.72 -14.56
CA VAL A 180 5.07 3.17 -15.54
C VAL A 180 5.41 3.75 -16.90
N VAL A 181 5.54 2.87 -17.90
CA VAL A 181 5.76 3.26 -19.28
C VAL A 181 4.71 2.57 -20.14
N VAL A 182 3.96 3.35 -20.90
CA VAL A 182 2.90 2.84 -21.76
C VAL A 182 3.29 3.03 -23.21
N LEU A 183 3.23 1.94 -23.98
CA LEU A 183 3.51 1.95 -25.41
C LEU A 183 2.19 1.95 -26.16
N SER A 184 2.02 2.91 -27.06
CA SER A 184 0.80 3.03 -27.85
C SER A 184 1.15 2.92 -29.33
N PHE A 185 0.48 2.00 -30.02
CA PHE A 185 0.67 1.79 -31.45
C PHE A 185 -0.56 2.30 -32.21
N GLU A 186 -0.34 2.70 -33.45
CA GLU A 186 -1.44 3.15 -34.30
C GLU A 186 -1.11 2.84 -35.76
N LEU A 187 -2.15 2.90 -36.59
CA LEU A 187 -2.01 2.76 -38.02
C LEU A 187 -2.80 3.87 -38.69
N LEU A 188 -2.20 4.51 -39.69
CA LEU A 188 -2.85 5.59 -40.42
C LEU A 188 -2.35 5.58 -41.86
N HIS A 189 -2.83 6.54 -42.65
CA HIS A 189 -2.53 6.59 -44.08
C HIS A 189 -1.09 7.07 -44.30
N ALA A 190 -0.15 6.18 -43.98
CA ALA A 190 1.28 6.43 -44.15
C ALA A 190 1.99 5.10 -44.26
N PRO A 191 3.15 5.07 -44.94
CA PRO A 191 3.91 3.82 -45.00
C PRO A 191 4.40 3.40 -43.62
N ALA A 192 4.42 2.09 -43.39
CA ALA A 192 4.86 1.55 -42.11
C ALA A 192 6.38 1.50 -42.05
N THR A 193 6.94 1.97 -40.94
CA THR A 193 8.39 2.06 -40.81
C THR A 193 8.93 1.38 -39.55
N VAL A 194 8.22 1.48 -38.44
CA VAL A 194 8.71 0.99 -37.15
C VAL A 194 8.15 -0.41 -36.96
N CYS A 195 9.02 -1.42 -37.08
CA CYS A 195 8.59 -2.80 -36.91
C CYS A 195 9.80 -3.71 -36.74
N GLY A 196 9.53 -5.02 -36.74
CA GLY A 196 10.43 -6.02 -36.22
C GLY A 196 11.69 -6.21 -37.03
N PRO A 197 12.65 -6.93 -36.45
CA PRO A 197 13.98 -7.10 -37.06
C PRO A 197 14.10 -8.24 -38.04
N LYS A 198 12.99 -8.84 -38.49
CA LYS A 198 13.03 -9.98 -39.41
C LYS A 198 13.84 -11.10 -38.72
N LYS A 199 14.53 -11.92 -39.50
CA LYS A 199 15.44 -12.96 -39.03
C LYS A 199 16.08 -13.63 -40.24
N SER A 200 17.23 -14.25 -40.01
CA SER A 200 17.94 -14.95 -41.08
C SER A 200 18.99 -15.89 -40.49
N GLN B 1 -6.59 8.33 9.46
CA GLN B 1 -5.80 8.33 10.68
C GLN B 1 -6.62 7.79 11.84
N VAL B 2 -7.94 7.88 11.73
CA VAL B 2 -8.87 7.45 12.76
C VAL B 2 -9.69 6.30 12.21
N LEU B 3 -9.75 5.21 12.97
CA LEU B 3 -10.52 4.03 12.61
C LEU B 3 -11.68 3.86 13.58
N THR B 4 -12.86 3.54 13.05
CA THR B 4 -14.06 3.43 13.86
C THR B 4 -14.78 2.13 13.54
N GLN B 5 -15.14 1.39 14.59
CA GLN B 5 -15.88 0.14 14.45
C GLN B 5 -17.23 0.26 15.13
N THR B 6 -18.29 -0.12 14.41
CA THR B 6 -19.63 -0.14 14.95
C THR B 6 -20.31 -1.43 14.50
N PRO B 7 -21.13 -2.05 15.37
CA PRO B 7 -21.39 -1.69 16.76
C PRO B 7 -20.32 -2.23 17.71
N SER B 8 -20.27 -1.72 18.94
CA SER B 8 -19.25 -2.17 19.88
C SER B 8 -19.51 -3.59 20.35
N SER B 9 -20.77 -3.98 20.52
CA SER B 9 -21.10 -5.32 20.95
C SER B 9 -22.38 -5.77 20.26
N VAL B 10 -22.45 -7.06 19.95
CA VAL B 10 -23.58 -7.61 19.21
C VAL B 10 -23.64 -9.10 19.49
N SER B 11 -24.85 -9.63 19.61
CA SER B 11 -25.06 -11.03 19.91
C SER B 11 -26.09 -11.63 18.96
N ALA B 12 -25.93 -12.92 18.66
CA ALA B 12 -26.87 -13.62 17.81
C ALA B 12 -26.89 -15.09 18.19
N ALA B 13 -27.97 -15.76 17.80
CA ALA B 13 -28.09 -17.19 18.07
C ALA B 13 -27.12 -17.97 17.19
N VAL B 14 -27.03 -19.28 17.47
CA VAL B 14 -26.11 -20.14 16.74
C VAL B 14 -26.48 -20.19 15.25
N GLY B 15 -27.76 -20.29 14.95
CA GLY B 15 -28.20 -20.27 13.56
C GLY B 15 -28.55 -18.88 13.10
N GLY B 16 -27.58 -17.97 13.17
CA GLY B 16 -27.84 -16.58 12.81
C GLY B 16 -26.61 -15.92 12.25
N THR B 17 -26.80 -14.70 11.76
CA THR B 17 -25.75 -13.94 11.13
C THR B 17 -25.70 -12.53 11.71
N VAL B 18 -24.50 -11.97 11.79
CA VAL B 18 -24.30 -10.61 12.28
C VAL B 18 -23.30 -9.90 11.38
N THR B 19 -23.32 -8.58 11.43
CA THR B 19 -22.50 -7.73 10.58
C THR B 19 -21.60 -6.84 11.43
N ILE B 20 -20.39 -6.61 10.94
CA ILE B 20 -19.42 -5.72 11.58
C ILE B 20 -18.98 -4.70 10.56
N ASN B 21 -19.01 -3.42 10.94
CA ASN B 21 -18.66 -2.32 10.05
C ASN B 21 -17.46 -1.58 10.61
N CYS B 22 -16.47 -1.32 9.75
CA CYS B 22 -15.27 -0.60 10.12
C CYS B 22 -14.99 0.46 9.06
N GLN B 23 -15.10 1.72 9.45
CA GLN B 23 -14.98 2.85 8.53
C GLN B 23 -13.66 3.56 8.78
N ALA B 24 -13.05 4.05 7.70
CA ALA B 24 -11.75 4.70 7.75
C ALA B 24 -11.90 6.20 7.49
N SER B 25 -11.14 7.00 8.24
CA SER B 25 -11.18 8.44 8.09
C SER B 25 -10.51 8.93 6.82
N GLU B 26 -9.80 8.07 6.10
CA GLU B 26 -9.08 8.46 4.90
C GLU B 26 -9.18 7.33 3.89
N ASP B 27 -9.06 7.67 2.61
CA ASP B 27 -9.10 6.66 1.57
C ASP B 27 -7.88 5.76 1.68
N ILE B 28 -8.10 4.44 1.68
CA ILE B 28 -7.03 3.48 1.94
C ILE B 28 -7.03 2.40 0.87
N TYR B 29 -7.76 2.62 -0.22
CA TYR B 29 -7.90 1.66 -1.32
C TYR B 29 -8.49 0.39 -0.72
N ASP B 30 -7.84 -0.77 -0.84
CA ASP B 30 -8.32 -2.01 -0.27
C ASP B 30 -7.38 -2.59 0.79
N ASN B 31 -6.49 -1.76 1.33
CA ASN B 31 -5.51 -2.22 2.32
C ASN B 31 -6.14 -2.17 3.70
N LEU B 32 -6.79 -3.27 4.08
CA LEU B 32 -7.39 -3.42 5.40
C LEU B 32 -7.43 -4.90 5.75
N VAL B 33 -7.18 -5.20 7.03
CA VAL B 33 -7.13 -6.58 7.51
C VAL B 33 -7.99 -6.71 8.75
N TRP B 34 -8.35 -7.94 9.07
CA TRP B 34 -9.13 -8.26 10.25
C TRP B 34 -8.38 -9.26 11.13
N TYR B 35 -8.68 -9.24 12.42
CA TYR B 35 -8.08 -10.18 13.36
C TYR B 35 -9.16 -10.72 14.28
N GLN B 36 -8.89 -11.89 14.84
CA GLN B 36 -9.74 -12.48 15.86
C GLN B 36 -8.88 -12.80 17.08
N GLN B 37 -9.28 -12.28 18.24
CA GLN B 37 -8.54 -12.45 19.49
C GLN B 37 -9.43 -13.14 20.50
N LYS B 38 -9.18 -14.41 20.74
CA LYS B 38 -9.81 -15.09 21.86
C LYS B 38 -9.17 -14.61 23.16
N PRO B 39 -9.91 -14.65 24.27
CA PRO B 39 -9.37 -14.14 25.54
C PRO B 39 -8.07 -14.83 25.92
N GLY B 40 -7.03 -14.02 26.14
CA GLY B 40 -5.73 -14.53 26.56
C GLY B 40 -4.86 -15.09 25.45
N GLN B 41 -5.27 -14.97 24.19
CA GLN B 41 -4.50 -15.54 23.09
C GLN B 41 -4.06 -14.44 22.12
N PRO B 42 -2.96 -14.63 21.41
CA PRO B 42 -2.57 -13.66 20.39
C PRO B 42 -3.59 -13.62 19.28
N PRO B 43 -3.78 -12.46 18.64
CA PRO B 43 -4.74 -12.38 17.54
C PRO B 43 -4.31 -13.23 16.36
N LYS B 44 -5.30 -13.70 15.61
CA LYS B 44 -5.08 -14.51 14.42
C LYS B 44 -5.57 -13.76 13.19
N LEU B 45 -4.81 -13.82 12.11
CA LEU B 45 -5.15 -13.12 10.88
C LEU B 45 -6.26 -13.87 10.16
N LEU B 46 -7.38 -13.20 9.90
CA LEU B 46 -8.52 -13.80 9.24
C LEU B 46 -8.61 -13.41 7.77
N ILE B 47 -8.70 -12.11 7.48
CA ILE B 47 -8.86 -11.60 6.12
C ILE B 47 -7.85 -10.50 5.91
N TYR B 48 -7.16 -10.55 4.77
CA TYR B 48 -6.26 -9.48 4.35
C TYR B 48 -6.67 -9.01 2.95
N ASP B 49 -6.43 -7.73 2.69
CA ASP B 49 -6.92 -7.00 1.53
C ASP B 49 -8.43 -6.85 1.53
N ALA B 50 -9.08 -7.11 2.66
CA ALA B 50 -10.51 -6.92 2.92
C ALA B 50 -11.40 -7.88 2.15
N SER B 51 -10.86 -8.71 1.26
CA SER B 51 -11.68 -9.67 0.54
C SER B 51 -11.03 -11.02 0.34
N THR B 52 -9.83 -11.24 0.86
CA THR B 52 -9.11 -12.51 0.67
C THR B 52 -9.00 -13.22 2.01
N LEU B 53 -9.47 -14.46 2.05
CA LEU B 53 -9.39 -15.26 3.26
C LEU B 53 -7.96 -15.73 3.50
N ALA B 54 -7.53 -15.67 4.75
CA ALA B 54 -6.20 -16.16 5.08
C ALA B 54 -6.18 -17.69 5.04
N PHE B 55 -4.97 -18.24 5.06
CA PHE B 55 -4.81 -19.69 5.03
C PHE B 55 -5.30 -20.31 6.34
N GLY B 56 -6.02 -21.41 6.21
CA GLY B 56 -6.45 -22.18 7.38
C GLY B 56 -7.68 -21.67 8.08
N VAL B 57 -8.35 -20.66 7.55
CA VAL B 57 -9.55 -20.11 8.18
C VAL B 57 -10.78 -20.63 7.45
N SER B 58 -11.92 -20.60 8.15
CA SER B 58 -13.16 -21.11 7.59
C SER B 58 -13.71 -20.15 6.54
N SER B 59 -14.60 -20.68 5.70
CA SER B 59 -15.22 -19.90 4.64
C SER B 59 -16.52 -19.25 5.08
N ARG B 60 -16.93 -19.41 6.33
CA ARG B 60 -18.10 -18.73 6.85
C ARG B 60 -17.82 -17.28 7.21
N PHE B 61 -16.57 -16.84 7.13
CA PHE B 61 -16.20 -15.45 7.33
C PHE B 61 -15.96 -14.83 5.95
N ARG B 62 -16.64 -13.74 5.65
CA ARG B 62 -16.49 -13.05 4.38
C ARG B 62 -16.34 -11.56 4.61
N GLY B 63 -15.54 -10.93 3.75
CA GLY B 63 -15.34 -9.50 3.82
C GLY B 63 -15.62 -8.85 2.48
N SER B 64 -15.82 -7.54 2.52
CA SER B 64 -16.16 -6.79 1.32
C SER B 64 -15.78 -5.33 1.54
N GLY B 65 -16.24 -4.47 0.65
CA GLY B 65 -16.04 -3.04 0.79
C GLY B 65 -14.73 -2.57 0.18
N SER B 66 -14.72 -1.29 -0.20
CA SER B 66 -13.52 -0.66 -0.74
C SER B 66 -13.65 0.84 -0.52
N GLY B 67 -12.50 1.51 -0.49
CA GLY B 67 -12.47 2.94 -0.26
C GLY B 67 -12.42 3.31 1.20
N THR B 68 -13.56 3.68 1.77
CA THR B 68 -13.62 4.08 3.17
C THR B 68 -14.61 3.28 4.01
N HIS B 69 -15.45 2.44 3.40
CA HIS B 69 -16.43 1.63 4.11
C HIS B 69 -16.15 0.17 3.87
N PHE B 70 -16.07 -0.61 4.95
CA PHE B 70 -15.81 -2.03 4.87
C PHE B 70 -16.77 -2.77 5.79
N THR B 71 -17.00 -4.04 5.49
CA THR B 71 -17.97 -4.84 6.23
C THR B 71 -17.51 -6.28 6.30
N LEU B 72 -17.60 -6.87 7.49
CA LEU B 72 -17.34 -8.29 7.68
C LEU B 72 -18.57 -8.93 8.28
N THR B 73 -19.00 -10.05 7.68
CA THR B 73 -20.20 -10.74 8.12
C THR B 73 -19.90 -12.23 8.23
N MET B 74 -20.33 -12.78 9.36
CA MET B 74 -20.11 -14.23 9.61
C MET B 74 -21.45 -14.94 9.45
N ARG B 75 -21.45 -16.02 8.70
CA ARG B 75 -22.68 -16.77 8.43
C ARG B 75 -22.70 -18.04 9.25
N ASP B 76 -23.82 -18.31 9.91
CA ASP B 76 -24.00 -19.48 10.77
C ASP B 76 -22.92 -19.53 11.85
N VAL B 77 -22.95 -18.53 12.72
CA VAL B 77 -21.94 -18.39 13.76
C VAL B 77 -22.09 -19.51 14.78
N GLN B 78 -21.04 -20.29 14.95
CA GLN B 78 -21.02 -21.38 15.91
C GLN B 78 -20.75 -20.83 17.31
N CYS B 79 -20.53 -21.74 18.26
CA CYS B 79 -20.11 -21.32 19.59
C CYS B 79 -18.59 -21.10 19.67
N ASP B 80 -17.86 -21.46 18.62
CA ASP B 80 -16.42 -21.26 18.60
C ASP B 80 -16.02 -19.86 18.13
N ASP B 81 -16.97 -19.05 17.68
CA ASP B 81 -16.67 -17.72 17.17
C ASP B 81 -16.74 -16.64 18.23
N ALA B 82 -17.01 -17.01 19.49
CA ALA B 82 -17.14 -16.03 20.57
C ALA B 82 -15.76 -15.46 20.90
N ALA B 83 -15.49 -14.27 20.39
CA ALA B 83 -14.20 -13.59 20.59
C ALA B 83 -14.39 -12.13 20.21
N THR B 84 -13.28 -11.41 20.09
CA THR B 84 -13.28 -10.01 19.71
C THR B 84 -12.53 -9.83 18.40
N TYR B 85 -13.03 -8.92 17.56
CA TYR B 85 -12.49 -8.70 16.21
C TYR B 85 -12.03 -7.26 16.06
N TYR B 86 -10.92 -7.08 15.34
CA TYR B 86 -10.32 -5.76 15.13
C TYR B 86 -10.02 -5.57 13.65
N CYS B 87 -10.07 -4.31 13.21
CA CYS B 87 -9.73 -3.96 11.83
C CYS B 87 -8.53 -3.04 11.82
N GLN B 88 -7.63 -3.27 10.87
CA GLN B 88 -6.40 -2.50 10.74
C GLN B 88 -6.12 -2.22 9.27
N GLY B 89 -5.70 -1.00 8.97
CA GLY B 89 -5.41 -0.63 7.60
C GLY B 89 -4.31 0.39 7.51
N GLU B 90 -3.56 0.39 6.41
CA GLU B 90 -2.50 1.40 6.20
C GLU B 90 -3.13 2.78 6.04
N PHE B 91 -2.34 3.84 6.16
CA PHE B 91 -2.86 5.23 6.09
C PHE B 91 -1.75 6.15 5.59
N SER B 92 -1.30 5.94 4.36
CA SER B 92 -0.14 6.67 3.78
C SER B 92 1.05 6.57 4.74
N CYS B 93 1.85 7.65 4.84
CA CYS B 93 2.95 7.68 5.83
C CYS B 93 3.05 9.09 6.44
N SER B 94 3.89 9.95 5.84
CA SER B 94 4.14 11.31 6.38
C SER B 94 2.83 11.97 6.79
N SER B 95 1.84 11.97 5.88
CA SER B 95 0.52 12.60 6.15
C SER B 95 0.04 12.24 7.55
N GLY B 96 0.16 10.96 7.93
CA GLY B 96 -0.43 10.47 9.19
C GLY B 96 0.54 9.63 9.98
N ASP B 97 0.13 8.40 10.36
CA ASP B 97 0.92 7.57 11.29
C ASP B 97 0.88 6.11 10.82
N CYS B 98 1.22 5.87 9.55
CA CYS B 98 1.34 4.50 8.99
C CYS B 98 0.05 3.72 9.24
N THR B 99 -0.04 3.05 10.39
CA THR B 99 -1.15 2.10 10.68
C THR B 99 -1.75 2.40 12.05
N ALA B 100 -3.07 2.27 12.14
CA ALA B 100 -3.84 2.39 13.37
C ALA B 100 -4.83 1.24 13.47
N PHE B 101 -5.19 0.89 14.71
CA PHE B 101 -6.12 -0.19 14.99
C PHE B 101 -7.47 0.38 15.38
N GLY B 102 -8.53 -0.37 15.10
CA GLY B 102 -9.86 0.03 15.50
C GLY B 102 -10.12 -0.27 16.96
N GLY B 103 -11.29 0.21 17.43
CA GLY B 103 -11.67 -0.02 18.81
C GLY B 103 -12.06 -1.45 19.11
N GLY B 104 -12.49 -2.21 18.11
CA GLY B 104 -12.83 -3.60 18.32
C GLY B 104 -14.29 -3.79 18.71
N THR B 105 -14.78 -4.98 18.44
CA THR B 105 -16.15 -5.35 18.78
C THR B 105 -16.15 -6.71 19.50
N GLU B 106 -17.11 -6.90 20.39
CA GLU B 106 -17.24 -8.12 21.17
C GLU B 106 -18.48 -8.87 20.70
N VAL B 107 -18.31 -10.17 20.44
CA VAL B 107 -19.39 -11.03 19.95
C VAL B 107 -19.61 -12.15 20.94
N VAL B 108 -20.86 -12.33 21.37
CA VAL B 108 -21.25 -13.40 22.28
C VAL B 108 -22.41 -14.16 21.65
N VAL B 109 -22.36 -15.49 21.73
CA VAL B 109 -23.34 -16.36 21.11
C VAL B 109 -24.15 -17.04 22.20
N LYS B 110 -25.47 -17.00 22.08
CA LYS B 110 -26.34 -17.72 23.02
C LYS B 110 -26.69 -19.09 22.48
N GLN C 1 8.40 -21.33 11.56
CA GLN C 1 8.41 -19.93 11.95
C GLN C 1 7.80 -19.75 13.33
N SER C 2 8.65 -19.65 14.34
CA SER C 2 8.21 -19.42 15.71
C SER C 2 8.84 -18.14 16.23
N VAL C 3 8.01 -17.29 16.84
CA VAL C 3 8.44 -16.00 17.36
C VAL C 3 8.12 -15.96 18.85
N GLU C 4 9.13 -15.61 19.65
CA GLU C 4 8.98 -15.55 21.10
C GLU C 4 9.74 -14.36 21.64
N GLU C 5 9.32 -13.88 22.81
CA GLU C 5 9.96 -12.73 23.44
C GLU C 5 9.82 -12.86 24.95
N SER C 6 10.69 -12.14 25.66
CA SER C 6 10.69 -12.16 27.12
C SER C 6 11.29 -10.87 27.64
N GLY C 7 11.08 -10.62 28.92
CA GLY C 7 11.65 -9.44 29.56
C GLY C 7 10.70 -8.70 30.49
N GLY C 8 9.51 -9.26 30.69
CA GLY C 8 8.54 -8.64 31.58
C GLY C 8 9.02 -8.55 33.01
N ARG C 9 8.93 -7.35 33.60
CA ARG C 9 9.41 -7.12 34.96
C ARG C 9 8.55 -6.03 35.60
N LEU C 10 8.65 -5.95 36.93
CA LEU C 10 8.01 -4.88 37.68
C LEU C 10 9.05 -3.80 37.95
N VAL C 11 8.79 -2.59 37.47
CA VAL C 11 9.74 -1.49 37.58
C VAL C 11 9.01 -0.23 38.03
N THR C 12 9.75 0.62 38.74
CA THR C 12 9.23 1.92 39.15
C THR C 12 9.19 2.87 37.96
N PRO C 13 8.34 3.90 38.01
CA PRO C 13 8.28 4.86 36.90
C PRO C 13 9.62 5.55 36.69
N GLY C 14 9.94 5.80 35.42
CA GLY C 14 11.16 6.48 35.06
C GLY C 14 12.38 5.60 34.90
N THR C 15 12.23 4.27 34.99
CA THR C 15 13.35 3.35 34.86
C THR C 15 13.29 2.62 33.53
N PRO C 16 14.36 2.66 32.73
CA PRO C 16 14.36 1.95 31.46
C PRO C 16 14.33 0.44 31.63
N LEU C 17 13.69 -0.23 30.68
CA LEU C 17 13.64 -1.68 30.64
C LEU C 17 13.71 -2.12 29.18
N THR C 18 14.28 -3.29 28.93
CA THR C 18 14.50 -3.78 27.58
C THR C 18 13.76 -5.08 27.36
N LEU C 19 13.04 -5.17 26.24
CA LEU C 19 12.42 -6.41 25.80
C LEU C 19 13.09 -6.87 24.52
N THR C 20 13.45 -8.15 24.46
CA THR C 20 14.11 -8.72 23.31
C THR C 20 13.22 -9.81 22.70
N CYS C 21 12.92 -9.67 21.42
CA CYS C 21 12.13 -10.64 20.68
C CYS C 21 13.06 -11.45 19.80
N THR C 22 13.08 -12.76 19.98
CA THR C 22 14.01 -13.64 19.29
C THR C 22 13.28 -14.39 18.18
N VAL C 23 13.84 -14.34 16.97
CA VAL C 23 13.25 -15.03 15.83
C VAL C 23 13.73 -16.48 15.83
N SER C 24 13.03 -17.31 15.07
CA SER C 24 13.38 -18.73 14.97
C SER C 24 12.71 -19.33 13.75
N GLY C 25 13.53 -19.91 12.86
CA GLY C 25 13.02 -20.63 11.72
C GLY C 25 12.95 -19.87 10.41
N PHE C 26 13.54 -18.67 10.33
CA PHE C 26 13.52 -17.90 9.09
C PHE C 26 14.66 -16.90 9.11
N SER C 27 14.82 -16.20 8.00
CA SER C 27 15.86 -15.18 7.85
C SER C 27 15.29 -13.83 8.27
N LEU C 28 15.94 -13.15 9.20
CA LEU C 28 15.36 -11.88 9.69
C LEU C 28 15.45 -10.82 8.62
N SER C 29 16.56 -10.77 7.91
CA SER C 29 16.77 -9.67 6.98
C SER C 29 15.78 -9.66 5.83
N ARG C 30 14.75 -10.51 5.82
CA ARG C 30 13.77 -10.55 4.76
C ARG C 30 12.38 -10.09 5.19
N TYR C 31 12.06 -10.19 6.48
CA TYR C 31 10.74 -9.83 6.99
C TYR C 31 10.88 -8.71 8.01
N ALA C 32 9.78 -7.96 8.17
CA ALA C 32 9.76 -6.80 9.05
C ALA C 32 9.03 -7.14 10.34
N MET C 33 9.69 -6.89 11.47
CA MET C 33 9.10 -7.11 12.77
C MET C 33 8.48 -5.81 13.28
N SER C 34 7.38 -5.94 14.02
CA SER C 34 6.70 -4.79 14.59
C SER C 34 6.26 -5.11 16.01
N TRP C 35 6.08 -4.06 16.80
CA TRP C 35 5.67 -4.18 18.19
C TRP C 35 4.30 -3.56 18.37
N VAL C 36 3.40 -4.27 19.05
CA VAL C 36 2.08 -3.77 19.41
C VAL C 36 1.87 -4.03 20.88
N ARG C 37 0.92 -3.30 21.46
CA ARG C 37 0.62 -3.45 22.88
C ARG C 37 -0.87 -3.28 23.11
N GLN C 38 -1.35 -3.88 24.19
CA GLN C 38 -2.74 -3.73 24.60
C GLN C 38 -2.81 -3.63 26.11
N ALA C 39 -3.62 -2.71 26.61
CA ALA C 39 -3.86 -2.59 28.03
C ALA C 39 -4.81 -3.69 28.49
N PRO C 40 -4.85 -4.00 29.79
CA PRO C 40 -5.75 -5.06 30.27
C PRO C 40 -7.19 -4.75 29.94
N GLY C 41 -7.77 -5.59 29.09
CA GLY C 41 -9.18 -5.48 28.74
C GLY C 41 -9.53 -4.39 27.75
N LYS C 42 -8.54 -3.72 27.16
CA LYS C 42 -8.76 -2.64 26.21
C LYS C 42 -8.32 -3.08 24.82
N GLY C 43 -8.45 -2.17 23.86
CA GLY C 43 -8.14 -2.48 22.48
C GLY C 43 -6.65 -2.47 22.18
N LEU C 44 -6.33 -2.93 20.97
CA LEU C 44 -4.95 -2.98 20.52
C LEU C 44 -4.40 -1.59 20.25
N GLU C 45 -3.09 -1.46 20.38
CA GLU C 45 -2.38 -0.23 20.04
C GLU C 45 -1.12 -0.58 19.28
N TRP C 46 -0.70 0.31 18.39
CA TRP C 46 0.49 0.12 17.57
C TRP C 46 1.61 0.97 18.13
N ILE C 47 2.82 0.41 18.15
CA ILE C 47 3.98 1.08 18.72
C ILE C 47 4.98 1.49 17.64
N GLY C 48 5.38 0.56 16.78
CA GLY C 48 6.37 0.87 15.77
C GLY C 48 6.62 -0.34 14.88
N ILE C 49 7.50 -0.13 13.92
CA ILE C 49 7.85 -1.15 12.95
C ILE C 49 9.26 -0.89 12.44
N ILE C 50 9.96 -1.97 12.09
CA ILE C 50 11.28 -1.89 11.49
C ILE C 50 11.29 -2.75 10.23
N VAL C 51 11.57 -2.13 9.09
CA VAL C 51 11.56 -2.82 7.80
C VAL C 51 12.80 -3.69 7.68
N ASP C 52 12.83 -4.55 6.66
CA ASP C 52 13.95 -5.48 6.50
C ASP C 52 15.26 -4.74 6.26
N SER C 53 15.22 -3.64 5.49
CA SER C 53 16.45 -2.91 5.19
C SER C 53 17.09 -2.36 6.45
N GLY C 54 16.28 -1.84 7.36
CA GLY C 54 16.81 -1.29 8.60
C GLY C 54 16.14 0.01 9.00
N HIS C 55 15.37 0.59 8.09
CA HIS C 55 14.65 1.82 8.39
C HIS C 55 13.53 1.55 9.39
N THR C 56 13.29 2.53 10.27
CA THR C 56 12.33 2.37 11.35
C THR C 56 11.31 3.50 11.31
N ALA C 57 10.10 3.18 11.74
CA ALA C 57 9.02 4.15 11.87
C ALA C 57 8.33 3.94 13.21
N TYR C 58 7.72 5.01 13.72
CA TYR C 58 7.11 4.95 15.05
C TYR C 58 5.67 5.47 15.02
N ALA C 59 5.08 5.65 16.19
CA ALA C 59 3.72 6.15 16.32
C ALA C 59 3.73 7.51 17.01
N SER C 60 2.79 8.37 16.61
CA SER C 60 2.75 9.73 17.15
C SER C 60 2.40 9.72 18.64
N TRP C 61 1.45 8.88 19.05
CA TRP C 61 1.05 8.87 20.46
C TRP C 61 2.21 8.51 21.36
N ALA C 62 3.15 7.71 20.87
CA ALA C 62 4.37 7.41 21.62
C ALA C 62 5.25 8.63 21.81
N LYS C 63 5.13 9.63 20.93
CA LYS C 63 5.83 10.91 21.03
C LYS C 63 7.34 10.75 20.80
N GLY C 64 7.82 9.51 20.66
CA GLY C 64 9.23 9.28 20.37
C GLY C 64 10.08 8.99 21.59
N ARG C 65 9.62 8.11 22.47
CA ARG C 65 10.39 7.65 23.62
C ARG C 65 10.82 6.21 23.49
N PHE C 66 10.48 5.54 22.40
CA PHE C 66 10.84 4.16 22.13
C PHE C 66 11.99 4.12 21.12
N THR C 67 12.62 2.95 21.02
CA THR C 67 13.74 2.77 20.10
C THR C 67 13.85 1.29 19.76
N ILE C 68 13.68 0.96 18.48
CA ILE C 68 13.76 -0.40 18.00
C ILE C 68 15.09 -0.58 17.28
N SER C 69 15.86 -1.57 17.72
CA SER C 69 17.17 -1.86 17.13
C SER C 69 17.15 -3.28 16.58
N ARG C 70 17.91 -3.50 15.50
CA ARG C 70 17.97 -4.79 14.86
C ARG C 70 19.39 -5.34 14.92
N THR C 71 19.49 -6.66 14.94
CA THR C 71 20.77 -7.37 14.92
C THR C 71 20.50 -8.76 14.37
N SER C 72 21.45 -9.68 14.59
CA SER C 72 21.36 -11.03 14.01
C SER C 72 20.02 -11.68 14.31
N THR C 73 19.70 -11.87 15.59
CA THR C 73 18.46 -12.56 15.97
C THR C 73 17.79 -11.93 17.17
N THR C 74 17.95 -10.63 17.37
CA THR C 74 17.38 -9.94 18.54
C THR C 74 16.74 -8.64 18.07
N VAL C 75 15.43 -8.68 17.81
CA VAL C 75 14.66 -7.49 17.46
C VAL C 75 14.17 -6.91 18.78
N ASP C 76 15.01 -6.12 19.43
CA ASP C 76 14.72 -5.60 20.76
C ASP C 76 14.13 -4.20 20.69
N LEU C 77 13.44 -3.83 21.77
CA LEU C 77 12.88 -2.50 21.93
C LEU C 77 13.16 -2.00 23.32
N LYS C 78 13.51 -0.73 23.44
CA LYS C 78 13.86 -0.11 24.70
C LYS C 78 13.02 1.15 24.91
N MET C 79 12.51 1.33 26.12
CA MET C 79 11.77 2.54 26.48
C MET C 79 12.56 3.34 27.50
N THR C 80 12.16 4.61 27.64
CA THR C 80 12.76 5.51 28.60
C THR C 80 11.69 6.37 29.23
N SER C 81 11.81 6.58 30.55
CA SER C 81 10.88 7.40 31.32
C SER C 81 9.45 6.84 31.24
N LEU C 82 9.30 5.63 31.79
CA LEU C 82 7.99 4.99 31.80
C LEU C 82 7.06 5.68 32.78
N THR C 83 5.77 5.63 32.46
CA THR C 83 4.72 6.21 33.31
C THR C 83 3.92 5.09 33.96
N THR C 84 2.89 5.49 34.71
CA THR C 84 2.05 4.53 35.42
C THR C 84 0.94 3.95 34.56
N GLU C 85 0.76 4.45 33.34
CA GLU C 85 -0.25 3.93 32.43
C GLU C 85 0.34 3.02 31.35
N ASP C 86 1.60 2.61 31.51
CA ASP C 86 2.24 1.71 30.55
C ASP C 86 2.11 0.24 30.92
N THR C 87 1.39 -0.07 32.00
CA THR C 87 1.16 -1.47 32.36
C THR C 87 0.29 -2.11 31.29
N ALA C 88 0.87 -3.02 30.51
CA ALA C 88 0.17 -3.60 29.38
C ALA C 88 0.86 -4.90 28.99
N THR C 89 0.42 -5.48 27.88
CA THR C 89 0.99 -6.68 27.32
C THR C 89 1.53 -6.38 25.92
N TYR C 90 2.75 -6.81 25.65
CA TYR C 90 3.44 -6.48 24.41
C TYR C 90 3.67 -7.73 23.56
N PHE C 91 3.56 -7.57 22.25
CA PHE C 91 3.80 -8.64 21.30
C PHE C 91 4.74 -8.15 20.21
N CYS C 92 5.44 -9.09 19.59
CA CYS C 92 6.23 -8.82 18.39
C CYS C 92 5.70 -9.68 17.25
N ALA C 93 5.38 -9.04 16.13
CA ALA C 93 4.69 -9.69 15.04
C ALA C 93 5.58 -9.80 13.81
N ARG C 94 5.46 -10.92 13.10
CA ARG C 94 6.16 -11.16 11.85
C ARG C 94 5.22 -10.85 10.69
N GLU C 95 5.75 -10.94 9.48
CA GLU C 95 4.98 -10.59 8.29
C GLU C 95 4.68 -11.83 7.45
N THR C 96 3.93 -11.62 6.37
CA THR C 96 3.58 -12.74 5.49
C THR C 96 4.73 -13.04 4.53
N GLY C 97 5.08 -12.09 3.69
CA GLY C 97 6.13 -12.28 2.70
C GLY C 97 6.84 -10.97 2.41
N GLY C 98 7.56 -10.95 1.29
CA GLY C 98 8.24 -9.73 0.90
C GLY C 98 7.26 -8.60 0.66
N GLY C 99 7.54 -7.45 1.28
CA GLY C 99 6.61 -6.34 1.21
C GLY C 99 5.32 -6.71 1.91
N ALA C 100 4.21 -6.15 1.43
CA ALA C 100 2.89 -6.39 2.02
C ALA C 100 2.92 -6.15 3.51
N PHE C 101 3.43 -4.98 3.90
CA PHE C 101 3.65 -4.68 5.31
C PHE C 101 2.33 -4.60 6.06
N TYR C 102 2.43 -4.69 7.39
CA TYR C 102 1.30 -4.55 8.30
C TYR C 102 0.27 -5.65 8.09
N VAL C 103 0.72 -6.90 8.03
CA VAL C 103 -0.18 -8.05 8.00
C VAL C 103 -0.19 -8.78 9.33
N PHE C 104 0.98 -8.96 9.95
CA PHE C 104 1.09 -9.47 11.32
C PHE C 104 0.46 -10.85 11.45
N GLU C 105 1.05 -11.83 10.77
CA GLU C 105 0.48 -13.17 10.72
C GLU C 105 1.09 -14.13 11.74
N PHE C 106 2.32 -13.88 12.18
CA PHE C 106 2.91 -14.62 13.28
C PHE C 106 3.08 -13.71 14.50
N TRP C 107 2.66 -14.21 15.66
CA TRP C 107 2.72 -13.43 16.90
C TRP C 107 3.43 -14.22 17.98
N GLY C 108 4.07 -13.51 18.89
CA GLY C 108 4.68 -14.11 20.05
C GLY C 108 3.64 -14.45 21.10
N PRO C 109 4.02 -15.26 22.08
CA PRO C 109 3.07 -15.62 23.15
C PRO C 109 2.58 -14.42 23.95
N GLY C 110 3.41 -13.40 24.10
CA GLY C 110 3.00 -12.22 24.85
C GLY C 110 3.72 -12.12 26.18
N THR C 111 4.08 -10.89 26.54
CA THR C 111 4.73 -10.62 27.83
C THR C 111 4.10 -9.38 28.44
N VAL C 112 4.07 -9.35 29.77
CA VAL C 112 3.42 -8.28 30.52
C VAL C 112 4.47 -7.45 31.23
N VAL C 113 4.40 -6.14 31.06
CA VAL C 113 5.28 -5.19 31.72
C VAL C 113 4.41 -4.31 32.61
N THR C 114 4.69 -4.31 33.91
CA THR C 114 3.91 -3.56 34.87
C THR C 114 4.78 -2.49 35.53
N VAL C 115 4.20 -1.32 35.74
CA VAL C 115 4.87 -0.20 36.38
C VAL C 115 4.12 0.12 37.67
N SER C 116 4.85 0.08 38.79
CA SER C 116 4.26 0.35 40.09
C SER C 116 5.37 0.73 41.07
N SER C 117 4.96 1.01 42.30
CA SER C 117 5.91 1.36 43.35
C SER C 117 6.10 0.19 44.31
C1 NAG D . 18.55 -0.40 -18.80
C2 NAG D . 19.45 -1.35 -18.01
C3 NAG D . 20.22 -2.28 -18.95
C4 NAG D . 19.23 -3.02 -19.85
C5 NAG D . 18.36 -2.02 -20.59
C6 NAG D . 17.30 -2.67 -21.44
C7 NAG D . 20.91 -1.09 -16.04
C8 NAG D . 21.84 -0.18 -15.30
N2 NAG D . 20.39 -0.60 -17.17
O3 NAG D . 20.97 -3.21 -18.19
O4 NAG D . 19.94 -3.82 -20.79
O5 NAG D . 17.68 -1.17 -19.65
O6 NAG D . 16.62 -1.71 -22.25
O7 NAG D . 20.63 -2.21 -15.64
C1 NAG D . 19.84 -5.22 -20.41
C2 NAG D . 21.03 -5.98 -21.01
C3 NAG D . 20.99 -7.44 -20.58
C4 NAG D . 20.91 -7.55 -19.07
C5 NAG D . 19.74 -6.74 -18.54
C6 NAG D . 19.69 -6.70 -17.02
C7 NAG D . 22.16 -5.97 -23.19
C8 NAG D . 21.99 -5.83 -24.66
N2 NAG D . 21.05 -5.86 -22.46
O3 NAG D . 22.15 -8.11 -21.07
O4 NAG D . 20.76 -8.92 -18.69
O5 NAG D . 19.85 -5.37 -18.98
O6 NAG D . 20.60 -5.74 -16.51
O7 NAG D . 23.25 -6.17 -22.67
C1 NAG E . 27.50 -8.20 -42.66
C2 NAG E . 28.62 -7.31 -43.20
C3 NAG E . 29.81 -8.15 -43.64
C4 NAG E . 30.25 -9.10 -42.52
C5 NAG E . 29.06 -9.93 -42.07
C6 NAG E . 29.40 -10.85 -40.92
C7 NAG E . 27.99 -5.17 -44.23
C8 NAG E . 27.49 -4.49 -45.46
N2 NAG E . 28.14 -6.49 -44.30
O3 NAG E . 30.90 -7.29 -43.98
O4 NAG E . 31.28 -9.96 -43.00
O5 NAG E . 28.01 -9.06 -41.63
O6 NAG E . 30.70 -11.39 -41.06
O7 NAG E . 28.25 -4.55 -43.20
#